data_2Y01
#
_entry.id   2Y01
#
_cell.length_a   90.100
_cell.length_b   61.600
_cell.length_c   101.400
_cell.angle_alpha   90.00
_cell.angle_beta   108.90
_cell.angle_gamma   90.00
#
_symmetry.space_group_name_H-M   'P 1 21 1'
#
loop_
_entity.id
_entity.type
_entity.pdbx_description
1 polymer 'BETA-1 ADRENERGIC RECEPTOR'
2 non-polymer 'CHOLESTEROL HEMISUCCINATE'
3 non-polymer HEGA-10
4 non-polymer DOBUTAMINE
5 water water
#
_entity_poly.entity_id   1
_entity_poly.type   'polypeptide(L)'
_entity_poly.pdbx_seq_one_letter_code
;MGAELLSQQWEAGMSLLMALVVLLIVAGNVLVIAAIGSTQRLQTLTNLFITSLACADLVVGLLVVPFGATLVVRGTWLWG
SFLCELWTSLDVLCVTASIETLCVIAIDRYLAITSPFRYQSLMTRARAKVIICTVWAISALVSFLPIMMHWWRDEDPQAL
KCYQDPGCCDFVTNRAYAIASSIISFYIPLLIMIFVALRVYREAKEQIRKIDRASKRKTSRVMLMREHKALKTLGIIMGV
FTLCWLPFFLVNIVNVFNRDLVPDWLFVAFNWLGYANSAMNPIIYCRSPDFRKAFKRLLAFPRKADRRLHHHHHH
;
_entity_poly.pdbx_strand_id   A,B
#
# COMPACT_ATOMS: atom_id res chain seq x y z
N ALA A 3 28.98 -5.75 40.72
CA ALA A 3 29.07 -6.42 39.39
C ALA A 3 27.88 -7.37 39.17
N GLU A 4 27.99 -8.59 39.70
CA GLU A 4 26.91 -9.57 39.67
C GLU A 4 25.70 -9.13 40.49
N LEU A 5 25.93 -8.28 41.49
CA LEU A 5 24.85 -7.78 42.35
C LEU A 5 24.06 -6.71 41.65
N LEU A 6 24.76 -5.88 40.89
CA LEU A 6 24.18 -4.82 40.08
C LEU A 6 23.24 -5.41 39.02
N SER A 7 23.68 -6.53 38.46
CA SER A 7 22.91 -7.31 37.51
C SER A 7 21.65 -7.91 38.15
N GLN A 8 21.79 -8.52 39.32
CA GLN A 8 20.64 -9.10 40.07
C GLN A 8 19.56 -8.07 40.43
N GLN A 9 19.98 -6.88 40.85
CA GLN A 9 19.08 -5.80 41.24
C GLN A 9 18.32 -5.33 40.03
N TRP A 10 19.05 -5.15 38.93
CA TRP A 10 18.48 -4.70 37.66
C TRP A 10 17.51 -5.75 37.09
N GLU A 11 17.97 -7.00 37.01
CA GLU A 11 17.15 -8.09 36.48
C GLU A 11 15.82 -8.25 37.21
N ALA A 12 15.85 -8.14 38.53
CA ALA A 12 14.65 -8.39 39.33
C ALA A 12 13.65 -7.25 39.25
N GLY A 13 14.14 -6.02 39.26
CA GLY A 13 13.28 -4.83 39.20
C GLY A 13 12.70 -4.62 37.80
N MET A 14 13.49 -4.93 36.78
CA MET A 14 13.06 -4.85 35.38
C MET A 14 12.01 -5.90 35.07
N SER A 15 12.20 -7.10 35.63
CA SER A 15 11.20 -8.18 35.55
C SER A 15 9.87 -7.79 36.19
N LEU A 16 9.95 -7.00 37.25
CA LEU A 16 8.77 -6.60 38.01
C LEU A 16 7.97 -5.56 37.22
N LEU A 17 8.70 -4.68 36.54
CA LEU A 17 8.12 -3.64 35.73
C LEU A 17 7.48 -4.24 34.48
N MET A 18 8.21 -5.15 33.84
CA MET A 18 7.73 -5.83 32.65
C MET A 18 6.42 -6.57 32.92
N ALA A 19 6.36 -7.27 34.06
CA ALA A 19 5.17 -7.99 34.46
C ALA A 19 4.00 -7.03 34.67
N LEU A 20 4.30 -5.85 35.21
CA LEU A 20 3.27 -4.86 35.47
C LEU A 20 2.67 -4.40 34.15
N VAL A 21 3.55 -4.09 33.19
CA VAL A 21 3.16 -3.65 31.85
C VAL A 21 2.27 -4.70 31.17
N VAL A 22 2.70 -5.95 31.19
CA VAL A 22 1.90 -7.06 30.69
C VAL A 22 0.52 -7.08 31.34
N LEU A 23 0.50 -7.03 32.67
CA LEU A 23 -0.72 -7.11 33.45
C LEU A 23 -1.69 -5.99 33.07
N LEU A 24 -1.17 -4.80 32.99
CA LEU A 24 -1.96 -3.63 32.66
C LEU A 24 -2.57 -3.72 31.25
N ILE A 25 -1.77 -4.20 30.30
CA ILE A 25 -2.23 -4.38 28.92
C ILE A 25 -3.24 -5.52 28.79
N VAL A 26 -3.02 -6.62 29.49
CA VAL A 26 -3.93 -7.75 29.40
C VAL A 26 -5.25 -7.53 30.18
N ALA A 27 -5.16 -7.06 31.42
CA ALA A 27 -6.36 -6.77 32.21
C ALA A 27 -7.20 -5.71 31.52
N GLY A 28 -6.61 -4.55 31.25
CA GLY A 28 -7.30 -3.46 30.59
C GLY A 28 -8.05 -3.85 29.33
N ASN A 29 -7.43 -4.67 28.47
CA ASN A 29 -8.03 -5.02 27.17
C ASN A 29 -9.01 -6.18 27.20
N VAL A 30 -8.82 -7.13 28.11
CA VAL A 30 -9.84 -8.13 28.44
C VAL A 30 -11.10 -7.43 28.98
N LEU A 31 -10.90 -6.46 29.86
CA LEU A 31 -12.03 -5.70 30.37
C LEU A 31 -12.84 -5.07 29.24
N VAL A 32 -12.16 -4.46 28.26
CA VAL A 32 -12.82 -3.80 27.15
C VAL A 32 -13.61 -4.80 26.31
N ILE A 33 -13.01 -5.96 26.07
CA ILE A 33 -13.66 -7.00 25.27
C ILE A 33 -14.84 -7.58 26.02
N ALA A 34 -14.65 -7.88 27.30
CA ALA A 34 -15.72 -8.43 28.14
C ALA A 34 -16.88 -7.45 28.34
N ALA A 35 -16.57 -6.17 28.52
CA ALA A 35 -17.60 -5.15 28.72
C ALA A 35 -18.50 -5.08 27.48
N ILE A 36 -17.87 -5.21 26.31
CA ILE A 36 -18.55 -5.06 25.06
C ILE A 36 -19.30 -6.34 24.77
N GLY A 37 -18.64 -7.47 25.05
CA GLY A 37 -19.22 -8.77 24.78
C GLY A 37 -20.46 -9.08 25.59
N SER A 38 -20.75 -8.26 26.61
CA SER A 38 -21.76 -8.60 27.62
C SER A 38 -22.67 -7.41 28.00
N THR A 39 -22.70 -6.38 27.17
CA THR A 39 -23.52 -5.19 27.43
C THR A 39 -24.14 -4.75 26.11
N GLN A 40 -25.42 -5.10 25.91
CA GLN A 40 -26.16 -4.81 24.67
C GLN A 40 -26.02 -3.36 24.27
N ARG A 41 -26.10 -2.50 25.29
CA ARG A 41 -25.89 -1.06 25.16
C ARG A 41 -24.53 -0.73 24.51
N LEU A 42 -23.56 -1.64 24.65
CA LEU A 42 -22.23 -1.45 24.06
C LEU A 42 -21.97 -2.26 22.78
N GLN A 43 -23.00 -2.91 22.26
CA GLN A 43 -22.81 -3.73 21.07
C GLN A 43 -23.06 -2.99 19.75
N THR A 44 -22.79 -1.69 19.73
CA THR A 44 -22.84 -0.89 18.50
C THR A 44 -21.80 -1.35 17.46
N LEU A 45 -21.88 -0.80 16.25
CA LEU A 45 -20.97 -1.22 15.19
C LEU A 45 -19.60 -0.63 15.38
N THR A 46 -19.55 0.64 15.79
CA THR A 46 -18.30 1.30 16.12
C THR A 46 -17.50 0.50 17.16
N ASN A 47 -18.21 -0.12 18.10
CA ASN A 47 -17.54 -0.89 19.16
C ASN A 47 -17.01 -2.22 18.70
N LEU A 48 -17.45 -2.66 17.51
CA LEU A 48 -16.89 -3.86 16.90
C LEU A 48 -15.46 -3.58 16.41
N PHE A 49 -15.27 -2.35 15.90
CA PHE A 49 -13.95 -1.85 15.51
C PHE A 49 -13.04 -1.66 16.73
N ILE A 50 -13.64 -1.17 17.82
CA ILE A 50 -12.94 -1.04 19.09
C ILE A 50 -12.46 -2.39 19.59
N THR A 51 -13.31 -3.41 19.45
CA THR A 51 -12.97 -4.79 19.85
C THR A 51 -11.75 -5.28 19.06
N SER A 52 -11.70 -4.92 17.78
CA SER A 52 -10.62 -5.32 16.90
C SER A 52 -9.31 -4.66 17.34
N LEU A 53 -9.39 -3.38 17.68
CA LEU A 53 -8.26 -2.64 18.21
C LEU A 53 -7.78 -3.28 19.53
N ALA A 54 -8.72 -3.64 20.39
CA ALA A 54 -8.38 -4.30 21.66
C ALA A 54 -7.68 -5.65 21.45
N CYS A 55 -8.04 -6.36 20.38
CA CYS A 55 -7.39 -7.63 20.06
C CYS A 55 -5.95 -7.41 19.62
N ALA A 56 -5.72 -6.36 18.84
CA ALA A 56 -4.38 -5.96 18.44
C ALA A 56 -3.53 -5.67 19.66
N ASP A 57 -4.10 -4.93 20.61
CA ASP A 57 -3.40 -4.58 21.83
C ASP A 57 -3.18 -5.79 22.73
N LEU A 58 -4.15 -6.70 22.76
CA LEU A 58 -4.08 -7.89 23.57
C LEU A 58 -2.95 -8.79 23.10
N VAL A 59 -2.71 -8.82 21.80
CA VAL A 59 -1.67 -9.67 21.20
C VAL A 59 -0.30 -9.09 21.56
N VAL A 60 -0.23 -7.76 21.65
CA VAL A 60 0.96 -7.09 22.13
C VAL A 60 1.27 -7.47 23.59
N GLY A 61 0.22 -7.46 24.43
CA GLY A 61 0.33 -7.86 25.83
C GLY A 61 0.70 -9.32 26.06
N LEU A 62 0.14 -10.20 25.24
CA LEU A 62 0.36 -11.64 25.42
C LEU A 62 1.60 -12.18 24.70
N LEU A 63 2.02 -11.54 23.61
CA LEU A 63 3.08 -12.11 22.80
C LEU A 63 4.21 -11.16 22.50
N VAL A 64 3.89 -9.94 22.07
CA VAL A 64 4.94 -9.02 21.68
C VAL A 64 5.79 -8.62 22.89
N VAL A 65 5.14 -8.07 23.92
CA VAL A 65 5.82 -7.54 25.11
C VAL A 65 6.51 -8.65 25.96
N PRO A 66 5.82 -9.76 26.25
CA PRO A 66 6.51 -10.80 27.00
C PRO A 66 7.84 -11.20 26.36
N PHE A 67 7.87 -11.38 25.03
CA PHE A 67 9.09 -11.79 24.35
C PHE A 67 10.19 -10.72 24.43
N GLY A 68 9.81 -9.47 24.20
CA GLY A 68 10.74 -8.35 24.26
C GLY A 68 11.29 -8.18 25.67
N ALA A 69 10.43 -8.42 26.66
CA ALA A 69 10.81 -8.39 28.06
C ALA A 69 11.97 -9.36 28.33
N THR A 70 11.84 -10.62 27.92
CA THR A 70 12.92 -11.57 28.08
C THR A 70 14.23 -11.13 27.40
N LEU A 71 14.14 -10.31 26.35
CA LEU A 71 15.33 -9.81 25.65
C LEU A 71 15.97 -8.66 26.42
N VAL A 72 15.15 -7.78 26.96
CA VAL A 72 15.62 -6.68 27.80
C VAL A 72 16.22 -7.22 29.11
N VAL A 73 15.48 -8.07 29.81
CA VAL A 73 15.89 -8.54 31.13
C VAL A 73 17.16 -9.37 31.06
N ARG A 74 17.21 -10.33 30.14
CA ARG A 74 18.30 -11.30 30.09
C ARG A 74 19.47 -10.95 29.16
N GLY A 75 19.34 -9.88 28.38
CA GLY A 75 20.44 -9.44 27.53
C GLY A 75 20.73 -10.24 26.26
N THR A 76 19.99 -11.32 26.03
CA THR A 76 20.04 -12.02 24.71
C THR A 76 18.71 -12.64 24.26
N TRP A 77 18.67 -13.10 23.00
CA TRP A 77 17.51 -13.78 22.49
C TRP A 77 17.62 -15.25 22.79
N LEU A 78 16.71 -15.76 23.61
CA LEU A 78 16.77 -17.15 24.09
C LEU A 78 16.01 -18.18 23.28
N TRP A 79 15.33 -17.76 22.22
CA TRP A 79 14.25 -18.59 21.68
C TRP A 79 14.49 -19.19 20.29
N GLY A 80 15.66 -18.93 19.72
CA GLY A 80 16.00 -19.44 18.40
C GLY A 80 15.53 -18.57 17.24
N SER A 81 15.95 -18.95 16.03
CA SER A 81 15.71 -18.16 14.83
C SER A 81 14.26 -17.99 14.41
N PHE A 82 13.53 -19.09 14.32
CA PHE A 82 12.13 -19.06 13.89
C PHE A 82 11.30 -18.05 14.71
N LEU A 83 11.24 -18.28 16.02
CA LEU A 83 10.45 -17.43 16.92
C LEU A 83 10.86 -15.96 16.91
N CYS A 84 12.12 -15.70 16.58
CA CYS A 84 12.63 -14.33 16.51
C CYS A 84 11.98 -13.63 15.33
N GLU A 85 11.88 -14.34 14.21
CA GLU A 85 11.22 -13.85 13.02
C GLU A 85 9.72 -13.75 13.21
N LEU A 86 9.11 -14.76 13.85
CA LEU A 86 7.69 -14.71 14.17
C LEU A 86 7.41 -13.51 15.08
N TRP A 87 8.27 -13.31 16.07
CA TRP A 87 8.09 -12.23 17.02
C TRP A 87 8.14 -10.88 16.30
N THR A 88 9.09 -10.75 15.39
CA THR A 88 9.22 -9.56 14.57
C THR A 88 7.95 -9.34 13.74
N SER A 89 7.51 -10.40 13.05
CA SER A 89 6.27 -10.43 12.27
C SER A 89 5.09 -9.88 13.05
N LEU A 90 4.89 -10.42 14.25
CA LEU A 90 3.78 -10.00 15.12
C LEU A 90 3.87 -8.53 15.54
N ASP A 91 5.08 -8.02 15.74
CA ASP A 91 5.26 -6.61 16.10
C ASP A 91 4.76 -5.71 14.96
N VAL A 92 5.26 -5.96 13.74
CA VAL A 92 4.82 -5.25 12.55
C VAL A 92 3.30 -5.41 12.35
N LEU A 93 2.80 -6.64 12.51
CA LEU A 93 1.38 -6.91 12.34
C LEU A 93 0.50 -5.99 13.18
N CYS A 94 0.74 -5.97 14.49
CA CYS A 94 -0.10 -5.21 15.44
C CYS A 94 -0.17 -3.69 15.22
N VAL A 95 0.99 -3.07 14.97
CA VAL A 95 0.94 -1.64 14.71
C VAL A 95 0.21 -1.34 13.39
N THR A 96 0.44 -2.18 12.37
CA THR A 96 -0.25 -2.09 11.08
C THR A 96 -1.79 -2.23 11.25
N ALA A 97 -2.22 -3.31 11.90
CA ALA A 97 -3.65 -3.53 12.20
C ALA A 97 -4.27 -2.43 13.05
N SER A 98 -3.50 -1.86 13.98
CA SER A 98 -3.99 -0.75 14.81
C SER A 98 -4.27 0.51 14.01
N ILE A 99 -3.30 0.99 13.25
CA ILE A 99 -3.48 2.23 12.48
C ILE A 99 -4.55 2.07 11.37
N GLU A 100 -4.60 0.89 10.75
CA GLU A 100 -5.63 0.60 9.75
C GLU A 100 -7.03 0.59 10.34
N THR A 101 -7.17 0.01 11.52
CA THR A 101 -8.44 0.01 12.22
C THR A 101 -8.85 1.44 12.58
N LEU A 102 -7.90 2.24 13.06
CA LEU A 102 -8.21 3.63 13.41
C LEU A 102 -8.75 4.42 12.22
N CYS A 103 -8.17 4.18 11.04
CA CYS A 103 -8.70 4.75 9.79
C CYS A 103 -10.16 4.38 9.56
N VAL A 104 -10.44 3.08 9.59
CA VAL A 104 -11.79 2.60 9.46
C VAL A 104 -12.76 3.30 10.44
N ILE A 105 -12.39 3.37 11.72
CA ILE A 105 -13.18 4.08 12.76
C ILE A 105 -13.46 5.53 12.37
N ALA A 106 -12.44 6.22 11.87
CA ALA A 106 -12.61 7.60 11.41
C ALA A 106 -13.55 7.67 10.22
N ILE A 107 -13.45 6.69 9.31
CA ILE A 107 -14.27 6.66 8.08
C ILE A 107 -15.73 6.31 8.43
N ASP A 108 -15.91 5.39 9.37
CA ASP A 108 -17.22 5.01 9.88
C ASP A 108 -17.93 6.25 10.43
N ARG A 109 -17.19 7.05 11.19
CA ARG A 109 -17.76 8.25 11.84
C ARG A 109 -18.05 9.36 10.86
N TYR A 110 -17.22 9.50 9.83
CA TYR A 110 -17.43 10.50 8.78
C TYR A 110 -18.73 10.22 8.04
N LEU A 111 -18.94 8.95 7.70
CA LEU A 111 -20.14 8.48 7.04
C LEU A 111 -21.39 8.79 7.85
N ALA A 112 -21.37 8.35 9.11
CA ALA A 112 -22.50 8.47 10.01
C ALA A 112 -22.91 9.92 10.24
N ILE A 113 -21.96 10.83 10.09
CA ILE A 113 -22.20 12.25 10.39
C ILE A 113 -22.61 13.07 9.16
N THR A 114 -22.25 12.61 7.97
CA THR A 114 -22.59 13.34 6.74
C THR A 114 -23.73 12.69 5.99
N SER A 115 -23.86 11.37 6.10
CA SER A 115 -24.98 10.63 5.51
C SER A 115 -25.59 9.67 6.52
N PRO A 116 -26.26 10.20 7.55
CA PRO A 116 -26.81 9.32 8.58
C PRO A 116 -27.76 8.26 8.03
N PHE A 117 -28.50 8.59 6.97
CA PHE A 117 -29.43 7.62 6.40
C PHE A 117 -28.77 6.63 5.42
N ARG A 118 -27.88 7.14 4.57
CA ARG A 118 -27.10 6.27 3.71
C ARG A 118 -26.24 5.32 4.54
N TYR A 119 -25.73 5.83 5.66
CA TYR A 119 -25.07 5.02 6.68
C TYR A 119 -25.96 3.90 7.22
N GLN A 120 -27.22 4.23 7.50
CA GLN A 120 -28.20 3.30 8.05
C GLN A 120 -28.40 2.08 7.16
N SER A 121 -28.40 2.30 5.85
CA SER A 121 -28.73 1.24 4.89
C SER A 121 -27.50 0.51 4.36
N LEU A 122 -26.32 1.04 4.66
CA LEU A 122 -25.06 0.40 4.26
C LEU A 122 -24.44 -0.45 5.36
N MET A 123 -24.35 0.10 6.57
CA MET A 123 -23.61 -0.52 7.67
C MET A 123 -24.40 -1.55 8.47
N THR A 124 -23.97 -2.79 8.36
CA THR A 124 -24.57 -3.89 9.11
C THR A 124 -23.49 -4.65 9.89
N ARG A 125 -23.92 -5.54 10.79
CA ARG A 125 -22.99 -6.35 11.55
C ARG A 125 -22.16 -7.23 10.63
N ALA A 126 -22.81 -7.79 9.61
CA ALA A 126 -22.12 -8.66 8.63
C ALA A 126 -21.02 -7.90 7.85
N ARG A 127 -21.32 -6.66 7.46
CA ARG A 127 -20.32 -5.85 6.76
C ARG A 127 -19.16 -5.39 7.65
N ALA A 128 -19.47 -4.96 8.88
CA ALA A 128 -18.45 -4.64 9.87
C ALA A 128 -17.46 -5.80 10.05
N LYS A 129 -17.97 -7.04 10.15
CA LYS A 129 -17.10 -8.23 10.20
C LYS A 129 -16.19 -8.36 8.99
N VAL A 130 -16.74 -8.10 7.80
CA VAL A 130 -15.96 -8.16 6.59
C VAL A 130 -14.88 -7.08 6.65
N ILE A 131 -15.26 -5.86 7.08
CA ILE A 131 -14.29 -4.78 7.20
C ILE A 131 -13.10 -5.17 8.08
N ILE A 132 -13.43 -5.64 9.29
CA ILE A 132 -12.43 -6.07 10.24
C ILE A 132 -11.53 -7.14 9.63
N CYS A 133 -12.13 -8.14 8.98
CA CYS A 133 -11.34 -9.24 8.44
C CYS A 133 -10.42 -8.77 7.33
N THR A 134 -10.95 -7.89 6.48
CA THR A 134 -10.16 -7.30 5.40
C THR A 134 -8.94 -6.54 5.97
N VAL A 135 -9.19 -5.71 6.98
CA VAL A 135 -8.10 -5.01 7.68
C VAL A 135 -7.01 -6.00 8.16
N TRP A 136 -7.39 -7.07 8.86
CA TRP A 136 -6.42 -8.06 9.31
C TRP A 136 -5.75 -8.82 8.17
N ALA A 137 -6.47 -9.06 7.07
CA ALA A 137 -5.89 -9.69 5.87
C ALA A 137 -4.77 -8.85 5.28
N ILE A 138 -5.07 -7.59 4.97
CA ILE A 138 -4.11 -6.64 4.39
C ILE A 138 -2.89 -6.49 5.29
N SER A 139 -3.14 -6.41 6.59
CA SER A 139 -2.11 -6.26 7.61
C SER A 139 -1.20 -7.49 7.68
N ALA A 140 -1.81 -8.67 7.61
CA ALA A 140 -1.05 -9.92 7.57
C ALA A 140 -0.20 -9.97 6.32
N LEU A 141 -0.81 -9.62 5.19
CA LEU A 141 -0.11 -9.59 3.91
C LEU A 141 1.16 -8.73 3.97
N VAL A 142 0.99 -7.49 4.42
CA VAL A 142 2.05 -6.48 4.47
C VAL A 142 3.13 -6.75 5.53
N SER A 143 2.82 -7.54 6.54
CA SER A 143 3.75 -7.77 7.66
C SER A 143 4.51 -9.09 7.59
N PHE A 144 3.80 -10.22 7.37
CA PHE A 144 4.44 -11.56 7.31
C PHE A 144 5.33 -11.84 6.10
N LEU A 145 4.77 -11.66 4.91
CA LEU A 145 5.44 -12.09 3.70
C LEU A 145 6.83 -11.50 3.50
N PRO A 146 7.00 -10.17 3.63
CA PRO A 146 8.31 -9.59 3.38
C PRO A 146 9.30 -10.12 4.39
N ILE A 147 8.77 -10.48 5.54
CA ILE A 147 9.57 -11.02 6.61
C ILE A 147 9.91 -12.50 6.38
N MET A 148 8.93 -13.28 5.93
CA MET A 148 9.21 -14.67 5.54
C MET A 148 9.93 -14.79 4.19
N MET A 149 9.94 -13.70 3.43
CA MET A 149 10.71 -13.69 2.20
C MET A 149 12.11 -13.12 2.37
N HIS A 150 12.41 -12.69 3.60
CA HIS A 150 13.72 -12.15 3.95
C HIS A 150 14.08 -10.87 3.21
N TRP A 151 13.05 -10.17 2.72
CA TRP A 151 13.21 -8.90 2.03
C TRP A 151 13.74 -7.79 2.93
N TRP A 152 13.75 -8.03 4.25
CA TRP A 152 14.26 -7.09 5.26
C TRP A 152 15.79 -7.15 5.53
N ARG A 153 16.42 -8.30 5.23
CA ARG A 153 17.86 -8.52 5.46
C ARG A 153 18.78 -7.55 4.75
N ASP A 154 19.94 -7.29 5.37
CA ASP A 154 21.03 -6.53 4.73
C ASP A 154 22.30 -7.36 4.64
N GLU A 155 23.28 -6.85 3.90
CA GLU A 155 24.59 -7.49 3.71
C GLU A 155 25.72 -6.68 4.33
N ASP A 156 25.36 -5.63 5.06
CA ASP A 156 26.23 -4.83 5.94
C ASP A 156 27.04 -5.80 6.83
N PRO A 157 28.28 -5.41 7.22
CA PRO A 157 29.02 -6.20 8.23
C PRO A 157 28.25 -6.31 9.56
N GLN A 158 27.72 -5.18 10.04
CA GLN A 158 26.77 -5.13 11.16
C GLN A 158 25.64 -6.17 11.11
N ALA A 159 25.04 -6.34 9.94
CA ALA A 159 23.92 -7.25 9.75
C ALA A 159 24.33 -8.73 9.77
N LEU A 160 25.49 -9.04 9.18
CA LEU A 160 26.03 -10.40 9.14
C LEU A 160 26.47 -10.86 10.54
N LYS A 161 27.04 -9.92 11.29
CA LYS A 161 27.33 -10.11 12.70
C LYS A 161 26.11 -10.61 13.47
N CYS A 162 24.98 -9.91 13.33
CA CYS A 162 23.75 -10.30 14.02
C CYS A 162 23.15 -11.62 13.54
N TYR A 163 23.16 -11.88 12.24
CA TYR A 163 22.52 -13.12 11.79
C TYR A 163 23.43 -14.32 12.02
N GLN A 164 24.72 -14.08 12.18
CA GLN A 164 25.63 -15.14 12.62
C GLN A 164 25.96 -15.06 14.12
N ASP A 165 24.89 -14.97 14.91
CA ASP A 165 24.92 -14.88 16.36
C ASP A 165 23.50 -15.29 16.81
N PRO A 166 23.36 -16.51 17.38
CA PRO A 166 22.03 -17.11 17.62
C PRO A 166 21.20 -16.42 18.72
N GLY A 167 21.84 -15.55 19.48
CA GLY A 167 21.17 -14.78 20.51
C GLY A 167 20.98 -13.34 20.10
N CYS A 168 21.12 -13.06 18.80
CA CYS A 168 20.79 -11.75 18.27
C CYS A 168 19.43 -11.71 17.58
N CYS A 169 18.57 -10.83 18.08
CA CYS A 169 17.30 -10.57 17.48
C CYS A 169 17.08 -9.08 17.51
N ASP A 170 18.07 -8.32 17.05
CA ASP A 170 17.82 -6.94 16.63
C ASP A 170 17.04 -7.08 15.32
N PHE A 171 16.31 -6.06 14.95
CA PHE A 171 15.69 -6.07 13.65
C PHE A 171 16.53 -5.17 12.75
N VAL A 172 17.70 -5.68 12.35
CA VAL A 172 18.58 -4.92 11.46
C VAL A 172 18.06 -5.07 10.04
N THR A 173 17.67 -3.96 9.43
CA THR A 173 17.00 -4.05 8.14
C THR A 173 17.79 -3.29 7.11
N ASN A 174 17.61 -3.63 5.84
CA ASN A 174 18.16 -2.80 4.76
C ASN A 174 17.35 -1.50 4.66
N ARG A 175 17.89 -0.49 3.99
CA ARG A 175 17.18 0.80 3.85
C ARG A 175 15.87 0.76 3.08
N ALA A 176 15.82 -0.08 2.03
CA ALA A 176 14.63 -0.14 1.17
C ALA A 176 13.43 -0.58 2.02
N TYR A 177 13.63 -1.65 2.79
CA TYR A 177 12.57 -2.19 3.63
C TYR A 177 12.12 -1.19 4.71
N ALA A 178 13.08 -0.57 5.39
CA ALA A 178 12.77 0.48 6.36
C ALA A 178 11.88 1.58 5.78
N ILE A 179 12.25 2.14 4.63
CA ILE A 179 11.41 3.19 4.05
C ILE A 179 10.05 2.61 3.58
N ALA A 180 10.09 1.50 2.83
CA ALA A 180 8.88 0.83 2.33
C ALA A 180 7.88 0.42 3.43
N SER A 181 8.35 -0.35 4.42
CA SER A 181 7.46 -0.81 5.49
C SER A 181 6.91 0.33 6.34
N SER A 182 7.72 1.35 6.60
CA SER A 182 7.26 2.54 7.31
C SER A 182 6.14 3.23 6.56
N ILE A 183 6.36 3.50 5.28
CA ILE A 183 5.36 4.18 4.45
C ILE A 183 4.08 3.36 4.34
N ILE A 184 4.23 2.06 4.10
CA ILE A 184 3.10 1.18 3.86
C ILE A 184 2.37 0.81 5.14
N SER A 185 3.12 0.52 6.20
CA SER A 185 2.48 0.22 7.50
C SER A 185 1.93 1.43 8.24
N PHE A 186 2.59 2.59 8.11
CA PHE A 186 2.34 3.70 9.03
C PHE A 186 2.01 5.04 8.37
N TYR A 187 2.94 5.62 7.63
CA TYR A 187 2.74 6.97 7.08
C TYR A 187 1.46 7.17 6.26
N ILE A 188 1.15 6.24 5.36
CA ILE A 188 -0.03 6.37 4.50
C ILE A 188 -1.34 6.29 5.30
N PRO A 189 -1.55 5.19 6.08
CA PRO A 189 -2.75 5.18 6.94
C PRO A 189 -2.76 6.37 7.92
N LEU A 190 -1.60 6.79 8.41
CA LEU A 190 -1.53 8.01 9.25
C LEU A 190 -2.12 9.22 8.56
N LEU A 191 -1.74 9.43 7.31
CA LEU A 191 -2.17 10.61 6.57
C LEU A 191 -3.67 10.56 6.26
N ILE A 192 -4.16 9.39 5.87
CA ILE A 192 -5.59 9.16 5.67
C ILE A 192 -6.37 9.46 6.96
N MET A 193 -5.97 8.83 8.07
CA MET A 193 -6.60 9.05 9.37
C MET A 193 -6.66 10.54 9.76
N ILE A 194 -5.55 11.28 9.62
CA ILE A 194 -5.54 12.71 9.94
C ILE A 194 -6.49 13.52 9.04
N PHE A 195 -6.38 13.30 7.73
CA PHE A 195 -7.25 13.95 6.77
C PHE A 195 -8.73 13.68 7.12
N VAL A 196 -9.09 12.42 7.36
CA VAL A 196 -10.49 12.07 7.66
C VAL A 196 -10.94 12.59 9.04
N ALA A 197 -10.07 12.48 10.05
CA ALA A 197 -10.35 12.99 11.38
C ALA A 197 -10.57 14.50 11.39
N LEU A 198 -9.84 15.25 10.56
CA LEU A 198 -10.10 16.68 10.40
C LEU A 198 -11.41 17.00 9.69
N ARG A 199 -11.77 16.20 8.67
CA ARG A 199 -13.10 16.36 8.05
C ARG A 199 -14.22 16.08 9.07
N VAL A 200 -14.01 15.10 9.95
CA VAL A 200 -14.99 14.77 10.97
C VAL A 200 -15.07 15.93 11.95
N TYR A 201 -13.97 16.65 12.11
CA TYR A 201 -13.95 17.82 13.00
C TYR A 201 -14.68 19.01 12.40
N ARG A 202 -14.49 19.26 11.10
CA ARG A 202 -15.20 20.35 10.43
C ARG A 202 -16.71 20.08 10.43
N GLU A 203 -17.10 18.84 10.12
CA GLU A 203 -18.51 18.46 9.97
C GLU A 203 -19.25 18.34 11.29
N ALA A 204 -18.50 18.12 12.37
CA ALA A 204 -19.08 18.12 13.72
C ALA A 204 -19.25 19.54 14.23
N LYS A 205 -18.54 20.50 13.62
CA LYS A 205 -18.65 21.90 14.02
C LYS A 205 -19.87 22.57 13.41
N GLU A 206 -20.24 22.16 12.19
CA GLU A 206 -21.46 22.65 11.54
C GLU A 206 -22.73 22.01 12.15
N GLN A 207 -22.77 21.93 13.48
CA GLN A 207 -23.89 21.33 14.23
C GLN A 207 -24.18 22.11 15.50
N SER A 220 -32.22 16.75 21.49
CA SER A 220 -31.96 17.85 22.44
C SER A 220 -30.45 18.16 22.45
N ARG A 221 -30.09 19.41 22.74
CA ARG A 221 -28.70 19.84 23.02
C ARG A 221 -27.91 18.82 23.86
N VAL A 222 -28.61 18.16 24.78
CA VAL A 222 -28.04 17.10 25.63
C VAL A 222 -27.53 15.93 24.78
N MET A 223 -28.31 15.52 23.80
CA MET A 223 -27.98 14.40 22.91
C MET A 223 -26.75 14.67 22.01
N LEU A 224 -26.65 15.89 21.49
CA LEU A 224 -25.52 16.30 20.65
C LEU A 224 -24.23 16.45 21.46
N MET A 225 -24.35 16.83 22.74
CA MET A 225 -23.19 16.95 23.63
C MET A 225 -22.62 15.57 23.95
N ARG A 226 -23.50 14.60 24.17
CA ARG A 226 -23.10 13.23 24.48
C ARG A 226 -22.41 12.56 23.28
N GLU A 227 -22.83 12.93 22.08
CA GLU A 227 -22.22 12.43 20.85
C GLU A 227 -20.84 13.06 20.60
N HIS A 228 -20.69 14.33 20.97
CA HIS A 228 -19.43 15.02 20.82
C HIS A 228 -18.41 14.60 21.88
N LYS A 229 -18.90 14.20 23.06
CA LYS A 229 -18.04 13.61 24.07
C LYS A 229 -17.43 12.32 23.52
N ALA A 230 -18.28 11.48 22.91
CA ALA A 230 -17.86 10.20 22.32
C ALA A 230 -16.82 10.37 21.21
N LEU A 231 -17.04 11.36 20.34
CA LEU A 231 -16.13 11.65 19.23
C LEU A 231 -14.77 12.13 19.73
N LYS A 232 -14.79 12.98 20.76
CA LYS A 232 -13.58 13.48 21.39
C LYS A 232 -12.76 12.31 21.94
N THR A 233 -13.44 11.33 22.50
CA THR A 233 -12.78 10.12 23.01
C THR A 233 -12.01 9.41 21.87
N LEU A 234 -12.65 9.28 20.71
CA LEU A 234 -12.00 8.72 19.52
C LEU A 234 -10.84 9.56 19.00
N GLY A 235 -11.03 10.88 18.97
CA GLY A 235 -9.94 11.81 18.67
C GLY A 235 -8.73 11.60 19.58
N ILE A 236 -9.00 11.41 20.87
CA ILE A 236 -7.97 11.18 21.87
C ILE A 236 -7.20 9.87 21.64
N ILE A 237 -7.94 8.80 21.35
CA ILE A 237 -7.38 7.50 20.97
C ILE A 237 -6.39 7.65 19.81
N MET A 238 -6.83 8.36 18.76
CA MET A 238 -6.03 8.59 17.57
C MET A 238 -4.83 9.50 17.82
N GLY A 239 -5.02 10.52 18.66
CA GLY A 239 -3.95 11.48 18.98
C GLY A 239 -2.85 10.83 19.80
N VAL A 240 -3.25 10.12 20.85
CA VAL A 240 -2.32 9.37 21.68
C VAL A 240 -1.55 8.30 20.88
N PHE A 241 -2.25 7.55 20.03
CA PHE A 241 -1.59 6.59 19.13
C PHE A 241 -0.53 7.22 18.21
N THR A 242 -0.86 8.35 17.60
CA THR A 242 0.10 9.09 16.82
C THR A 242 1.32 9.51 17.68
N LEU A 243 1.06 10.07 18.86
CA LEU A 243 2.14 10.48 19.77
C LEU A 243 2.99 9.33 20.25
N CYS A 244 2.38 8.16 20.44
CA CYS A 244 3.15 6.98 20.81
C CYS A 244 4.03 6.36 19.73
N TRP A 245 3.64 6.48 18.46
CA TRP A 245 4.35 5.76 17.40
C TRP A 245 5.11 6.67 16.42
N LEU A 246 4.61 7.86 16.22
CA LEU A 246 5.27 8.78 15.29
C LEU A 246 6.77 9.02 15.60
N PRO A 247 7.14 9.20 16.89
CA PRO A 247 8.57 9.33 17.22
C PRO A 247 9.42 8.15 16.75
N PHE A 248 8.96 6.92 17.02
CA PHE A 248 9.65 5.75 16.48
C PHE A 248 9.79 5.75 14.97
N PHE A 249 8.73 6.09 14.24
CA PHE A 249 8.77 6.02 12.79
C PHE A 249 9.57 7.14 12.16
N LEU A 250 9.54 8.32 12.78
CA LEU A 250 10.40 9.42 12.38
C LEU A 250 11.88 9.03 12.48
N VAL A 251 12.24 8.38 13.59
CA VAL A 251 13.63 7.99 13.82
C VAL A 251 14.03 6.88 12.85
N ASN A 252 13.08 6.01 12.55
CA ASN A 252 13.28 4.92 11.61
C ASN A 252 13.70 5.47 10.24
N ILE A 253 13.05 6.54 9.81
CA ILE A 253 13.40 7.20 8.57
C ILE A 253 14.79 7.82 8.72
N VAL A 254 14.98 8.61 9.77
CA VAL A 254 16.26 9.34 9.96
C VAL A 254 17.50 8.43 9.94
N ASN A 255 17.40 7.23 10.49
CA ASN A 255 18.50 6.27 10.42
C ASN A 255 18.94 5.93 9.00
N VAL A 256 18.00 5.83 8.08
CA VAL A 256 18.36 5.49 6.71
C VAL A 256 19.41 6.50 6.23
N PHE A 257 19.25 7.75 6.63
CA PHE A 257 20.07 8.87 6.13
C PHE A 257 21.26 9.22 7.03
N ASN A 258 21.11 9.02 8.34
CA ASN A 258 22.16 9.36 9.32
C ASN A 258 21.97 8.69 10.70
N ARG A 259 22.79 7.66 10.92
CA ARG A 259 22.78 6.87 12.16
C ARG A 259 23.28 7.62 13.40
N ASP A 260 23.90 8.78 13.19
CA ASP A 260 24.49 9.51 14.30
C ASP A 260 23.59 10.62 14.81
N LEU A 261 22.74 11.14 13.95
CA LEU A 261 21.83 12.23 14.29
C LEU A 261 20.93 11.98 15.51
N VAL A 262 20.65 10.71 15.82
CA VAL A 262 19.75 10.37 16.93
C VAL A 262 20.26 9.15 17.72
N PRO A 263 20.55 9.32 19.03
CA PRO A 263 21.18 8.28 19.85
C PRO A 263 20.39 6.97 19.96
N ASP A 264 21.11 5.85 19.94
CA ASP A 264 20.50 4.53 19.97
C ASP A 264 19.44 4.35 21.06
N TRP A 265 19.80 4.66 22.32
CA TRP A 265 18.96 4.38 23.48
C TRP A 265 17.54 4.97 23.32
N LEU A 266 17.47 6.13 22.66
CA LEU A 266 16.22 6.83 22.46
C LEU A 266 15.39 6.15 21.34
N PHE A 267 16.06 5.65 20.30
CA PHE A 267 15.39 4.86 19.25
C PHE A 267 14.70 3.60 19.81
N VAL A 268 15.42 2.84 20.62
CA VAL A 268 14.88 1.65 21.28
C VAL A 268 13.69 2.00 22.17
N ALA A 269 13.87 3.07 22.97
CA ALA A 269 12.90 3.55 23.94
C ALA A 269 11.59 3.93 23.24
N PHE A 270 11.73 4.59 22.08
CA PHE A 270 10.60 4.92 21.24
C PHE A 270 9.82 3.70 20.78
N ASN A 271 10.50 2.59 20.55
CA ASN A 271 9.80 1.38 20.18
C ASN A 271 8.99 0.87 21.35
N TRP A 272 9.52 1.08 22.55
CA TRP A 272 8.85 0.68 23.78
C TRP A 272 7.71 1.64 24.11
N LEU A 273 7.86 2.90 23.74
CA LEU A 273 6.77 3.85 23.88
C LEU A 273 5.57 3.35 23.02
N GLY A 274 5.89 2.83 21.84
CA GLY A 274 4.91 2.21 20.96
C GLY A 274 4.16 1.08 21.63
N TYR A 275 4.90 0.13 22.20
CA TYR A 275 4.25 -0.96 22.94
C TYR A 275 3.34 -0.43 24.06
N ALA A 276 3.76 0.67 24.68
CA ALA A 276 3.06 1.23 25.82
C ALA A 276 1.63 1.69 25.47
N ASN A 277 1.42 2.05 24.21
CA ASN A 277 0.12 2.54 23.73
C ASN A 277 -0.97 1.50 23.96
N SER A 278 -0.59 0.22 23.90
CA SER A 278 -1.51 -0.91 24.09
C SER A 278 -2.18 -0.95 25.45
N ALA A 279 -1.69 -0.12 26.37
CA ALA A 279 -2.16 -0.07 27.74
C ALA A 279 -3.07 1.13 27.99
N MET A 280 -3.04 2.09 27.07
CA MET A 280 -3.70 3.38 27.25
C MET A 280 -5.19 3.42 26.95
N ASN A 281 -5.62 2.71 25.91
CA ASN A 281 -7.02 2.78 25.45
C ASN A 281 -8.08 2.44 26.50
N PRO A 282 -7.84 1.38 27.31
CA PRO A 282 -8.83 1.06 28.33
C PRO A 282 -9.01 2.16 29.36
N ILE A 283 -7.94 2.85 29.73
CA ILE A 283 -8.03 3.97 30.66
C ILE A 283 -8.85 5.08 29.98
N ILE A 284 -8.44 5.47 28.78
CA ILE A 284 -9.10 6.51 28.01
C ILE A 284 -10.62 6.28 27.88
N TYR A 285 -11.06 5.03 27.82
CA TYR A 285 -12.49 4.71 27.72
C TYR A 285 -13.28 5.01 29.00
N CYS A 286 -12.58 5.33 30.08
CA CYS A 286 -13.24 5.64 31.34
C CYS A 286 -13.86 7.03 31.31
N ARG A 287 -13.66 7.74 30.21
CA ARG A 287 -14.36 8.98 29.91
C ARG A 287 -15.84 8.72 29.71
N SER A 288 -16.17 7.46 29.43
CA SER A 288 -17.54 7.04 29.15
C SER A 288 -18.22 6.39 30.36
N PRO A 289 -19.33 6.99 30.84
CA PRO A 289 -20.19 6.46 31.91
C PRO A 289 -20.47 4.95 31.76
N ASP A 290 -20.84 4.55 30.54
CA ASP A 290 -21.18 3.16 30.21
C ASP A 290 -20.05 2.15 30.40
N PHE A 291 -18.86 2.49 29.90
CA PHE A 291 -17.68 1.64 30.07
C PHE A 291 -17.31 1.55 31.54
N ARG A 292 -17.28 2.70 32.21
CA ARG A 292 -17.01 2.81 33.63
C ARG A 292 -17.92 1.88 34.45
N LYS A 293 -19.23 1.99 34.21
CA LYS A 293 -20.22 1.10 34.85
C LYS A 293 -20.03 -0.39 34.54
N ALA A 294 -19.67 -0.70 33.30
CA ALA A 294 -19.42 -2.09 32.89
C ALA A 294 -18.14 -2.65 33.52
N PHE A 295 -17.15 -1.77 33.67
CA PHE A 295 -15.89 -2.11 34.32
C PHE A 295 -16.10 -2.45 35.79
N LYS A 296 -16.76 -1.53 36.50
CA LYS A 296 -17.10 -1.71 37.92
C LYS A 296 -17.92 -2.98 38.17
N ARG A 297 -18.88 -3.25 37.28
CA ARG A 297 -19.70 -4.46 37.40
C ARG A 297 -18.88 -5.73 37.16
N LEU A 298 -18.02 -5.72 36.15
CA LEU A 298 -17.24 -6.90 35.79
C LEU A 298 -16.25 -7.30 36.89
N LEU A 299 -15.62 -6.30 37.50
CA LEU A 299 -14.61 -6.54 38.54
C LEU A 299 -15.22 -7.05 39.87
N ALA A 300 -16.56 -7.13 39.92
CA ALA A 300 -17.32 -7.67 41.07
C ALA A 300 -16.92 -7.06 42.42
N ALA B 3 -24.97 -18.43 -39.33
CA ALA B 3 -24.74 -19.02 -37.98
C ALA B 3 -23.26 -19.38 -37.81
N GLU B 4 -22.87 -20.56 -38.28
CA GLU B 4 -21.49 -21.00 -38.23
C GLU B 4 -20.56 -20.14 -39.07
N LEU B 5 -21.11 -19.48 -40.08
CA LEU B 5 -20.32 -18.61 -40.95
C LEU B 5 -20.03 -17.30 -40.24
N LEU B 6 -21.03 -16.80 -39.53
CA LEU B 6 -20.93 -15.58 -38.74
C LEU B 6 -19.85 -15.70 -37.67
N SER B 7 -19.77 -16.90 -37.09
CA SER B 7 -18.74 -17.25 -36.14
C SER B 7 -17.35 -17.33 -36.78
N GLN B 8 -17.23 -17.96 -37.94
CA GLN B 8 -15.94 -18.02 -38.67
C GLN B 8 -15.37 -16.64 -39.04
N GLN B 9 -16.26 -15.75 -39.49
CA GLN B 9 -15.86 -14.43 -39.90
C GLN B 9 -15.32 -13.67 -38.70
N TRP B 10 -16.07 -13.76 -37.61
CA TRP B 10 -15.73 -13.08 -36.38
C TRP B 10 -14.45 -13.63 -35.73
N GLU B 11 -14.32 -14.95 -35.66
CA GLU B 11 -13.13 -15.59 -35.10
C GLU B 11 -11.86 -15.25 -35.82
N ALA B 12 -11.92 -15.20 -37.15
CA ALA B 12 -10.71 -14.98 -37.95
C ALA B 12 -10.28 -13.52 -37.92
N GLY B 13 -11.24 -12.61 -37.95
CA GLY B 13 -10.95 -11.18 -37.96
C GLY B 13 -10.46 -10.71 -36.60
N MET B 14 -11.06 -11.27 -35.57
CA MET B 14 -10.72 -10.92 -34.20
C MET B 14 -9.33 -11.45 -33.86
N SER B 15 -9.01 -12.66 -34.34
CA SER B 15 -7.65 -13.20 -34.23
C SER B 15 -6.64 -12.30 -34.93
N LEU B 16 -7.04 -11.68 -36.03
CA LEU B 16 -6.13 -10.84 -36.81
C LEU B 16 -5.83 -9.56 -36.04
N LEU B 17 -6.88 -9.01 -35.46
CA LEU B 17 -6.76 -7.82 -34.65
C LEU B 17 -5.91 -8.08 -33.39
N MET B 18 -6.19 -9.17 -32.69
CA MET B 18 -5.47 -9.56 -31.49
C MET B 18 -3.98 -9.75 -31.73
N ALA B 19 -3.62 -10.37 -32.85
CA ALA B 19 -2.21 -10.54 -33.23
C ALA B 19 -1.57 -9.18 -33.52
N LEU B 20 -2.33 -8.28 -34.13
CA LEU B 20 -1.79 -6.96 -34.43
C LEU B 20 -1.46 -6.23 -33.12
N VAL B 21 -2.39 -6.27 -32.16
CA VAL B 21 -2.21 -5.67 -30.85
C VAL B 21 -0.97 -6.23 -30.16
N VAL B 22 -0.82 -7.56 -30.15
CA VAL B 22 0.35 -8.21 -29.58
C VAL B 22 1.64 -7.73 -30.27
N LEU B 23 1.60 -7.69 -31.59
CA LEU B 23 2.77 -7.31 -32.39
C LEU B 23 3.20 -5.88 -32.11
N LEU B 24 2.22 -4.99 -31.99
CA LEU B 24 2.44 -3.59 -31.72
C LEU B 24 3.05 -3.40 -30.32
N ILE B 25 2.50 -4.11 -29.34
CA ILE B 25 2.98 -4.02 -27.97
C ILE B 25 4.38 -4.62 -27.81
N VAL B 26 4.64 -5.76 -28.46
CA VAL B 26 5.95 -6.40 -28.31
C VAL B 26 7.07 -5.70 -29.12
N ALA B 27 6.83 -5.40 -30.40
CA ALA B 27 7.80 -4.66 -31.19
C ALA B 27 8.12 -3.31 -30.52
N GLY B 28 7.09 -2.51 -30.27
CA GLY B 28 7.24 -1.19 -29.68
C GLY B 28 8.12 -1.16 -28.44
N ASN B 29 7.90 -2.15 -27.54
CA ASN B 29 8.56 -2.15 -26.24
C ASN B 29 9.93 -2.82 -26.24
N VAL B 30 10.14 -3.79 -27.11
CA VAL B 30 11.49 -4.33 -27.38
C VAL B 30 12.35 -3.20 -27.96
N LEU B 31 11.77 -2.42 -28.87
CA LEU B 31 12.48 -1.29 -29.45
C LEU B 31 12.97 -0.34 -28.36
N VAL B 32 12.09 -0.02 -27.42
CA VAL B 32 12.41 0.87 -26.30
C VAL B 32 13.55 0.33 -25.41
N ILE B 33 13.47 -0.95 -25.08
CA ILE B 33 14.52 -1.59 -24.28
C ILE B 33 15.83 -1.67 -25.06
N ALA B 34 15.77 -2.11 -26.33
CA ALA B 34 16.97 -2.18 -27.17
C ALA B 34 17.60 -0.81 -27.43
N ALA B 35 16.78 0.22 -27.62
CA ALA B 35 17.27 1.59 -27.81
C ALA B 35 18.06 2.12 -26.62
N ILE B 36 17.47 2.01 -25.43
CA ILE B 36 18.11 2.44 -24.19
C ILE B 36 19.38 1.64 -23.91
N GLY B 37 19.35 0.34 -24.19
CA GLY B 37 20.48 -0.54 -23.89
C GLY B 37 21.69 -0.37 -24.80
N SER B 38 21.52 0.34 -25.91
CA SER B 38 22.53 0.39 -26.96
C SER B 38 22.92 1.82 -27.36
N THR B 39 22.06 2.78 -27.08
CA THR B 39 22.36 4.17 -27.35
C THR B 39 22.94 4.81 -26.10
N GLN B 40 24.16 5.33 -26.22
CA GLN B 40 24.92 5.80 -25.06
C GLN B 40 24.33 7.10 -24.49
N ARG B 41 23.79 7.93 -25.36
CA ARG B 41 23.16 9.19 -24.96
C ARG B 41 21.78 9.02 -24.23
N LEU B 42 21.30 7.79 -24.10
CA LEU B 42 20.02 7.50 -23.44
C LEU B 42 20.19 6.75 -22.12
N GLN B 43 21.42 6.36 -21.80
CA GLN B 43 21.70 5.69 -20.54
C GLN B 43 21.68 6.65 -19.33
N THR B 44 20.54 7.29 -19.12
CA THR B 44 20.26 8.04 -17.91
C THR B 44 19.59 7.15 -16.86
N LEU B 45 19.47 7.68 -15.64
CA LEU B 45 18.84 6.94 -14.54
C LEU B 45 17.34 6.89 -14.72
N THR B 46 16.77 8.03 -15.14
CA THR B 46 15.35 8.11 -15.47
C THR B 46 14.94 7.01 -16.46
N ASN B 47 15.82 6.71 -17.42
CA ASN B 47 15.54 5.71 -18.43
C ASN B 47 15.61 4.27 -17.93
N LEU B 48 16.17 4.08 -16.73
CA LEU B 48 16.14 2.78 -16.08
C LEU B 48 14.73 2.49 -15.61
N PHE B 49 14.06 3.53 -15.14
CA PHE B 49 12.66 3.44 -14.74
C PHE B 49 11.76 3.19 -15.94
N ILE B 50 12.08 3.87 -17.05
CA ILE B 50 11.40 3.70 -18.32
C ILE B 50 11.50 2.24 -18.76
N THR B 51 12.69 1.65 -18.62
CA THR B 51 12.93 0.25 -18.97
C THR B 51 12.04 -0.67 -18.16
N SER B 52 11.93 -0.37 -16.87
CA SER B 52 11.06 -1.09 -15.95
C SER B 52 9.60 -1.05 -16.43
N LEU B 53 9.12 0.13 -16.76
CA LEU B 53 7.79 0.34 -17.33
C LEU B 53 7.58 -0.45 -18.64
N ALA B 54 8.63 -0.52 -19.44
CA ALA B 54 8.59 -1.22 -20.71
C ALA B 54 8.48 -2.73 -20.48
N CYS B 55 9.10 -3.21 -19.41
CA CYS B 55 9.02 -4.61 -19.04
C CYS B 55 7.62 -4.98 -18.59
N ALA B 56 6.98 -4.07 -17.84
CA ALA B 56 5.61 -4.26 -17.44
C ALA B 56 4.70 -4.39 -18.70
N ASP B 57 4.87 -3.50 -19.65
CA ASP B 57 4.12 -3.52 -20.89
C ASP B 57 4.43 -4.76 -21.74
N LEU B 58 5.69 -5.18 -21.74
CA LEU B 58 6.13 -6.36 -22.48
C LEU B 58 5.47 -7.65 -21.99
N VAL B 59 5.34 -7.77 -20.67
CA VAL B 59 4.63 -8.90 -20.05
C VAL B 59 3.14 -8.90 -20.41
N VAL B 60 2.56 -7.71 -20.56
CA VAL B 60 1.19 -7.59 -21.04
C VAL B 60 1.08 -8.12 -22.47
N GLY B 61 2.02 -7.73 -23.32
CA GLY B 61 2.06 -8.18 -24.70
C GLY B 61 2.31 -9.67 -24.88
N LEU B 62 3.18 -10.24 -24.07
CA LEU B 62 3.59 -11.63 -24.21
C LEU B 62 2.70 -12.60 -23.46
N LEU B 63 2.10 -12.15 -22.35
CA LEU B 63 1.31 -13.06 -21.53
C LEU B 63 -0.13 -12.63 -21.27
N VAL B 64 -0.34 -11.39 -20.85
CA VAL B 64 -1.69 -10.96 -20.47
C VAL B 64 -2.65 -10.95 -21.68
N VAL B 65 -2.26 -10.25 -22.74
CA VAL B 65 -3.09 -10.08 -23.92
C VAL B 65 -3.27 -11.39 -24.73
N PRO B 66 -2.17 -12.12 -25.04
CA PRO B 66 -2.38 -13.38 -25.75
C PRO B 66 -3.43 -14.26 -25.08
N PHE B 67 -3.37 -14.39 -23.75
CA PHE B 67 -4.31 -15.25 -23.02
C PHE B 67 -5.75 -14.74 -23.13
N GLY B 68 -5.93 -13.44 -22.91
CA GLY B 68 -7.24 -12.82 -22.97
C GLY B 68 -7.82 -12.81 -24.38
N ALA B 69 -6.95 -12.78 -25.38
CA ALA B 69 -7.32 -12.94 -26.77
C ALA B 69 -8.03 -14.30 -26.96
N THR B 70 -7.37 -15.39 -26.56
CA THR B 70 -7.98 -16.71 -26.70
C THR B 70 -9.36 -16.80 -26.02
N LEU B 71 -9.61 -15.96 -25.03
CA LEU B 71 -10.89 -15.98 -24.33
C LEU B 71 -11.95 -15.19 -25.10
N VAL B 72 -11.53 -14.09 -25.72
CA VAL B 72 -12.39 -13.28 -26.55
C VAL B 72 -12.74 -14.02 -27.87
N VAL B 73 -11.72 -14.50 -28.58
CA VAL B 73 -11.91 -15.23 -29.84
C VAL B 73 -12.78 -16.48 -29.65
N ARG B 74 -12.38 -17.36 -28.73
CA ARG B 74 -13.00 -18.69 -28.64
C ARG B 74 -14.23 -18.79 -27.74
N GLY B 75 -14.56 -17.72 -27.02
CA GLY B 75 -15.71 -17.72 -26.10
C GLY B 75 -15.58 -18.40 -24.73
N THR B 76 -14.49 -19.15 -24.49
CA THR B 76 -14.27 -19.81 -23.18
C THR B 76 -12.79 -19.80 -22.74
N TRP B 77 -12.57 -20.21 -21.48
CA TRP B 77 -11.23 -20.42 -20.96
C TRP B 77 -10.77 -21.84 -21.27
N LEU B 78 -9.72 -21.97 -22.08
CA LEU B 78 -9.22 -23.27 -22.53
C LEU B 78 -8.08 -23.86 -21.70
N TRP B 79 -7.61 -23.14 -20.68
CA TRP B 79 -6.28 -23.44 -20.11
C TRP B 79 -6.27 -24.02 -18.69
N GLY B 80 -7.46 -24.23 -18.13
CA GLY B 80 -7.55 -24.82 -16.80
C GLY B 80 -7.46 -23.83 -15.66
N SER B 81 -7.64 -24.32 -14.43
CA SER B 81 -7.75 -23.47 -13.24
C SER B 81 -6.51 -22.70 -12.83
N PHE B 82 -5.37 -23.39 -12.79
CA PHE B 82 -4.14 -22.80 -12.33
C PHE B 82 -3.78 -21.58 -13.19
N LEU B 83 -3.67 -21.81 -14.49
CA LEU B 83 -3.31 -20.75 -15.42
C LEU B 83 -4.30 -19.59 -15.42
N CYS B 84 -5.54 -19.85 -15.04
CA CYS B 84 -6.54 -18.78 -15.00
C CYS B 84 -6.22 -17.85 -13.86
N GLU B 85 -5.86 -18.45 -12.75
CA GLU B 85 -5.43 -17.69 -11.60
C GLU B 85 -4.08 -17.00 -11.82
N LEU B 86 -3.12 -17.68 -12.45
CA LEU B 86 -1.85 -17.06 -12.80
C LEU B 86 -2.08 -15.87 -13.75
N TRP B 87 -2.94 -16.07 -14.74
CA TRP B 87 -3.23 -15.02 -15.69
C TRP B 87 -3.81 -13.80 -14.97
N THR B 88 -4.80 -14.05 -14.10
CA THR B 88 -5.40 -13.00 -13.27
C THR B 88 -4.35 -12.27 -12.42
N SER B 89 -3.52 -13.04 -11.71
CA SER B 89 -2.34 -12.52 -10.99
C SER B 89 -1.45 -11.57 -11.81
N LEU B 90 -1.09 -12.01 -13.01
CA LEU B 90 -0.25 -11.21 -13.91
C LEU B 90 -0.91 -9.91 -14.33
N ASP B 91 -2.23 -9.93 -14.57
CA ASP B 91 -2.93 -8.72 -14.97
C ASP B 91 -2.87 -7.67 -13.85
N VAL B 92 -3.21 -8.09 -12.63
CA VAL B 92 -3.11 -7.22 -11.45
C VAL B 92 -1.68 -6.74 -11.20
N LEU B 93 -0.70 -7.64 -11.37
CA LEU B 93 0.71 -7.27 -11.20
C LEU B 93 1.15 -6.10 -12.07
N CYS B 94 0.84 -6.18 -13.36
CA CYS B 94 1.37 -5.23 -14.32
C CYS B 94 0.82 -3.82 -14.15
N VAL B 95 -0.48 -3.69 -13.90
CA VAL B 95 -1.03 -2.36 -13.76
C VAL B 95 -0.48 -1.76 -12.46
N THR B 96 -0.33 -2.62 -11.44
CA THR B 96 0.22 -2.21 -10.15
C THR B 96 1.68 -1.73 -10.26
N ALA B 97 2.54 -2.55 -10.90
CA ALA B 97 3.91 -2.14 -11.17
C ALA B 97 4.02 -0.90 -12.08
N SER B 98 3.09 -0.77 -13.05
CA SER B 98 3.11 0.39 -13.95
C SER B 98 2.91 1.70 -13.19
N ILE B 99 1.81 1.80 -12.45
CA ILE B 99 1.45 3.04 -11.74
C ILE B 99 2.49 3.38 -10.65
N GLU B 100 2.96 2.37 -9.92
CA GLU B 100 4.04 2.57 -8.94
C GLU B 100 5.33 3.09 -9.55
N THR B 101 5.71 2.53 -10.69
CA THR B 101 6.87 3.03 -11.42
C THR B 101 6.67 4.49 -11.82
N LEU B 102 5.46 4.84 -12.29
CA LEU B 102 5.16 6.20 -12.68
C LEU B 102 5.32 7.18 -11.53
N CYS B 103 4.95 6.76 -10.32
CA CYS B 103 5.16 7.59 -9.13
C CYS B 103 6.65 7.84 -8.89
N VAL B 104 7.43 6.78 -8.94
CA VAL B 104 8.86 6.89 -8.81
C VAL B 104 9.42 7.89 -9.83
N ILE B 105 9.07 7.74 -11.12
CA ILE B 105 9.54 8.67 -12.14
C ILE B 105 9.20 10.11 -11.73
N ALA B 106 8.00 10.34 -11.19
CA ALA B 106 7.56 11.67 -10.84
C ALA B 106 8.40 12.20 -9.67
N ILE B 107 8.71 11.29 -8.75
CA ILE B 107 9.46 11.64 -7.54
C ILE B 107 10.92 11.91 -7.91
N ASP B 108 11.50 11.05 -8.75
CA ASP B 108 12.82 11.26 -9.34
C ASP B 108 12.94 12.66 -9.99
N ARG B 109 11.92 13.08 -10.72
CA ARG B 109 11.98 14.37 -11.41
C ARG B 109 11.85 15.54 -10.45
N TYR B 110 11.02 15.38 -9.42
CA TYR B 110 10.78 16.42 -8.44
C TYR B 110 12.08 16.68 -7.68
N LEU B 111 12.75 15.60 -7.32
CA LEU B 111 14.04 15.66 -6.65
C LEU B 111 15.05 16.42 -7.50
N ALA B 112 15.25 15.96 -8.72
CA ALA B 112 16.23 16.55 -9.63
C ALA B 112 16.01 18.04 -9.89
N ILE B 113 14.78 18.49 -9.74
CA ILE B 113 14.43 19.86 -10.09
C ILE B 113 14.53 20.81 -8.89
N THR B 114 14.42 20.26 -7.67
CA THR B 114 14.39 21.08 -6.45
C THR B 114 15.64 20.95 -5.57
N SER B 115 16.57 20.10 -5.97
CA SER B 115 17.75 19.83 -5.16
C SER B 115 18.80 19.06 -5.95
N PRO B 116 19.31 19.66 -7.03
CA PRO B 116 20.02 18.97 -8.12
C PRO B 116 21.35 18.31 -7.79
N PHE B 117 21.90 18.57 -6.59
CA PHE B 117 23.23 18.03 -6.23
C PHE B 117 23.19 17.10 -5.02
N ARG B 118 22.17 17.29 -4.19
CA ARG B 118 21.68 16.24 -3.32
C ARG B 118 21.29 15.05 -4.21
N TYR B 119 20.50 15.32 -5.25
CA TYR B 119 20.15 14.35 -6.28
C TYR B 119 21.39 13.69 -6.88
N GLN B 120 22.39 14.50 -7.22
CA GLN B 120 23.63 14.01 -7.84
C GLN B 120 24.36 12.99 -6.97
N SER B 121 24.51 13.30 -5.68
CA SER B 121 25.19 12.38 -4.78
C SER B 121 24.36 11.12 -4.55
N LEU B 122 23.08 11.29 -4.20
CA LEU B 122 22.20 10.17 -3.78
C LEU B 122 21.78 9.21 -4.87
N MET B 123 21.33 9.73 -6.01
CA MET B 123 20.86 8.87 -7.09
C MET B 123 21.96 8.23 -7.91
N THR B 124 22.10 6.93 -7.72
CA THR B 124 23.13 6.15 -8.41
C THR B 124 22.48 5.00 -9.14
N ARG B 125 23.24 4.36 -10.02
CA ARG B 125 22.74 3.21 -10.75
C ARG B 125 22.32 2.11 -9.78
N ALA B 126 23.14 1.86 -8.76
CA ALA B 126 22.86 0.85 -7.74
C ALA B 126 21.54 1.09 -6.98
N ARG B 127 21.29 2.34 -6.60
CA ARG B 127 20.07 2.69 -5.93
C ARG B 127 18.81 2.64 -6.82
N ALA B 128 18.91 3.13 -8.05
CA ALA B 128 17.87 2.94 -9.05
C ALA B 128 17.46 1.45 -9.19
N LYS B 129 18.43 0.54 -9.22
CA LYS B 129 18.13 -0.88 -9.25
C LYS B 129 17.34 -1.33 -8.01
N VAL B 130 17.67 -0.75 -6.86
CA VAL B 130 17.01 -1.16 -5.64
C VAL B 130 15.59 -0.63 -5.65
N ILE B 131 15.41 0.58 -6.19
CA ILE B 131 14.08 1.17 -6.30
C ILE B 131 13.20 0.30 -7.18
N ILE B 132 13.70 -0.05 -8.36
CA ILE B 132 12.96 -0.84 -9.32
C ILE B 132 12.55 -2.17 -8.70
N CYS B 133 13.51 -2.82 -8.06
CA CYS B 133 13.27 -4.13 -7.47
C CYS B 133 12.26 -4.07 -6.31
N THR B 134 12.30 -2.99 -5.52
CA THR B 134 11.37 -2.80 -4.44
C THR B 134 9.95 -2.62 -4.99
N VAL B 135 9.80 -1.73 -5.99
CA VAL B 135 8.52 -1.57 -6.71
C VAL B 135 7.98 -2.93 -7.22
N TRP B 136 8.82 -3.76 -7.81
CA TRP B 136 8.30 -5.05 -8.26
C TRP B 136 7.94 -5.96 -7.11
N ALA B 137 8.72 -5.89 -6.02
CA ALA B 137 8.47 -6.67 -4.79
C ALA B 137 7.11 -6.34 -4.16
N ILE B 138 6.86 -5.04 -3.95
CA ILE B 138 5.58 -4.55 -3.41
C ILE B 138 4.38 -4.95 -4.30
N SER B 139 4.56 -4.81 -5.60
CA SER B 139 3.55 -5.15 -6.58
C SER B 139 3.21 -6.66 -6.60
N ALA B 140 4.24 -7.49 -6.48
CA ALA B 140 4.08 -8.95 -6.39
C ALA B 140 3.31 -9.31 -5.14
N LEU B 141 3.67 -8.67 -4.04
CA LEU B 141 3.05 -8.89 -2.76
C LEU B 141 1.55 -8.59 -2.81
N VAL B 142 1.22 -7.45 -3.40
CA VAL B 142 -0.12 -6.96 -3.43
C VAL B 142 -0.98 -7.73 -4.43
N SER B 143 -0.35 -8.34 -5.42
CA SER B 143 -1.08 -8.99 -6.49
C SER B 143 -1.28 -10.52 -6.33
N PHE B 144 -0.19 -11.26 -6.17
CA PHE B 144 -0.24 -12.73 -6.08
C PHE B 144 -0.93 -13.32 -4.87
N LEU B 145 -0.49 -12.95 -3.68
CA LEU B 145 -0.97 -13.60 -2.48
C LEU B 145 -2.51 -13.55 -2.36
N PRO B 146 -3.13 -12.35 -2.43
CA PRO B 146 -4.58 -12.37 -2.22
C PRO B 146 -5.30 -13.25 -3.23
N ILE B 147 -4.77 -13.36 -4.45
CA ILE B 147 -5.42 -14.13 -5.51
C ILE B 147 -5.24 -15.64 -5.39
N MET B 148 -4.08 -16.07 -4.87
CA MET B 148 -3.81 -17.49 -4.65
C MET B 148 -4.39 -17.94 -3.31
N MET B 149 -4.59 -17.01 -2.38
CA MET B 149 -5.30 -17.28 -1.15
C MET B 149 -6.83 -17.28 -1.33
N HIS B 150 -7.32 -16.89 -2.51
CA HIS B 150 -8.77 -16.86 -2.76
C HIS B 150 -9.55 -15.83 -1.94
N TRP B 151 -8.84 -14.77 -1.53
CA TRP B 151 -9.48 -13.65 -0.83
C TRP B 151 -10.46 -12.90 -1.72
N TRP B 152 -10.36 -13.12 -3.04
CA TRP B 152 -11.16 -12.41 -4.00
C TRP B 152 -12.54 -13.00 -4.24
N ARG B 153 -12.76 -14.25 -3.79
CA ARG B 153 -14.01 -14.96 -4.07
C ARG B 153 -15.22 -14.51 -3.26
N ASP B 154 -16.38 -14.63 -3.92
CA ASP B 154 -17.67 -14.30 -3.35
C ASP B 154 -18.53 -15.55 -3.17
N GLU B 155 -19.56 -15.45 -2.32
CA GLU B 155 -20.44 -16.58 -2.02
C GLU B 155 -21.78 -16.51 -2.77
N ASP B 156 -21.96 -15.42 -3.50
CA ASP B 156 -23.04 -15.25 -4.46
C ASP B 156 -23.18 -16.49 -5.38
N PRO B 157 -24.43 -16.91 -5.65
CA PRO B 157 -24.70 -18.08 -6.51
C PRO B 157 -24.13 -17.99 -7.94
N GLN B 158 -24.22 -16.81 -8.54
CA GLN B 158 -23.64 -16.56 -9.87
C GLN B 158 -22.11 -16.66 -9.88
N ALA B 159 -21.49 -16.37 -8.74
CA ALA B 159 -20.04 -16.47 -8.61
C ALA B 159 -19.62 -17.92 -8.46
N LEU B 160 -20.39 -18.67 -7.68
CA LEU B 160 -20.14 -20.11 -7.51
C LEU B 160 -20.26 -20.89 -8.82
N LYS B 161 -21.23 -20.53 -9.68
CA LYS B 161 -21.34 -21.20 -10.98
C LYS B 161 -20.11 -20.97 -11.85
N CYS B 162 -19.50 -19.79 -11.73
CA CYS B 162 -18.28 -19.49 -12.45
C CYS B 162 -17.07 -20.27 -11.92
N TYR B 163 -17.02 -20.49 -10.60
CA TYR B 163 -15.90 -21.23 -10.00
C TYR B 163 -16.05 -22.73 -10.31
N GLN B 164 -17.30 -23.18 -10.42
CA GLN B 164 -17.64 -24.56 -10.82
C GLN B 164 -17.36 -24.87 -12.30
N ASP B 165 -17.25 -23.82 -13.12
CA ASP B 165 -17.11 -23.97 -14.56
C ASP B 165 -15.66 -23.73 -14.98
N PRO B 166 -14.93 -24.82 -15.32
CA PRO B 166 -13.52 -24.67 -15.73
C PRO B 166 -13.40 -23.78 -16.97
N GLY B 167 -14.51 -23.54 -17.65
CA GLY B 167 -14.56 -22.67 -18.83
C GLY B 167 -14.66 -21.20 -18.49
N CYS B 168 -15.02 -20.89 -17.24
CA CYS B 168 -15.23 -19.52 -16.78
C CYS B 168 -14.00 -18.92 -16.10
N CYS B 169 -13.41 -17.90 -16.72
CA CYS B 169 -12.33 -17.15 -16.07
C CYS B 169 -12.71 -15.68 -16.01
N ASP B 170 -13.90 -15.44 -15.48
CA ASP B 170 -14.39 -14.10 -15.21
C ASP B 170 -13.88 -13.70 -13.84
N PHE B 171 -13.61 -12.41 -13.68
CA PHE B 171 -13.12 -11.90 -12.41
C PHE B 171 -14.30 -11.47 -11.57
N VAL B 172 -15.09 -12.46 -11.15
CA VAL B 172 -16.23 -12.18 -10.28
C VAL B 172 -15.74 -12.17 -8.84
N THR B 173 -15.61 -10.96 -8.29
CA THR B 173 -15.01 -10.79 -6.99
C THR B 173 -16.04 -10.41 -5.95
N ASN B 174 -15.68 -10.61 -4.67
CA ASN B 174 -16.44 -10.04 -3.59
C ASN B 174 -16.13 -8.54 -3.52
N ARG B 175 -17.00 -7.81 -2.85
CA ARG B 175 -16.90 -6.36 -2.79
C ARG B 175 -15.68 -5.86 -2.03
N ALA B 176 -15.32 -6.54 -0.94
CA ALA B 176 -14.15 -6.13 -0.15
C ALA B 176 -12.87 -6.13 -1.00
N TYR B 177 -12.65 -7.21 -1.74
CA TYR B 177 -11.47 -7.32 -2.56
C TYR B 177 -11.45 -6.24 -3.66
N ALA B 178 -12.57 -6.06 -4.34
CA ALA B 178 -12.72 -5.04 -5.38
C ALA B 178 -12.34 -3.65 -4.88
N ILE B 179 -12.89 -3.25 -3.72
CA ILE B 179 -12.56 -1.94 -3.16
C ILE B 179 -11.10 -1.88 -2.71
N ALA B 180 -10.65 -2.91 -2.00
CA ALA B 180 -9.28 -2.95 -1.49
C ALA B 180 -8.21 -3.01 -2.58
N SER B 181 -8.32 -3.93 -3.54
CA SER B 181 -7.34 -3.97 -4.61
C SER B 181 -7.35 -2.73 -5.49
N SER B 182 -8.52 -2.12 -5.68
CA SER B 182 -8.56 -0.86 -6.43
C SER B 182 -7.80 0.26 -5.71
N ILE B 183 -8.10 0.45 -4.42
CA ILE B 183 -7.46 1.49 -3.61
C ILE B 183 -5.95 1.26 -3.46
N ILE B 184 -5.58 0.02 -3.20
CA ILE B 184 -4.17 -0.33 -3.01
C ILE B 184 -3.38 -0.41 -4.30
N SER B 185 -3.92 -1.02 -5.35
CA SER B 185 -3.21 -1.08 -6.61
C SER B 185 -3.22 0.23 -7.36
N PHE B 186 -4.31 1.01 -7.25
CA PHE B 186 -4.52 2.08 -8.20
C PHE B 186 -4.75 3.48 -7.61
N TYR B 187 -5.80 3.65 -6.80
CA TYR B 187 -6.22 4.99 -6.39
C TYR B 187 -5.17 5.77 -5.59
N ILE B 188 -4.49 5.08 -4.66
CA ILE B 188 -3.45 5.70 -3.84
C ILE B 188 -2.22 6.10 -4.65
N PRO B 189 -1.61 5.16 -5.41
CA PRO B 189 -0.50 5.62 -6.23
C PRO B 189 -0.94 6.72 -7.20
N LEU B 190 -2.22 6.73 -7.56
CA LEU B 190 -2.75 7.77 -8.42
C LEU B 190 -2.74 9.13 -7.74
N LEU B 191 -3.27 9.20 -6.51
CA LEU B 191 -3.25 10.45 -5.78
C LEU B 191 -1.83 11.00 -5.61
N ILE B 192 -0.89 10.12 -5.25
CA ILE B 192 0.51 10.47 -5.13
C ILE B 192 1.09 10.97 -6.46
N MET B 193 0.89 10.22 -7.53
CA MET B 193 1.40 10.61 -8.84
C MET B 193 0.89 11.99 -9.25
N ILE B 194 -0.41 12.22 -9.06
CA ILE B 194 -1.03 13.49 -9.44
C ILE B 194 -0.47 14.65 -8.59
N PHE B 195 -0.48 14.45 -7.27
CA PHE B 195 0.06 15.42 -6.33
C PHE B 195 1.53 15.80 -6.62
N VAL B 196 2.40 14.82 -6.88
CA VAL B 196 3.81 15.08 -7.19
C VAL B 196 4.00 15.66 -8.58
N ALA B 197 3.17 15.24 -9.54
CA ALA B 197 3.25 15.79 -10.88
C ALA B 197 2.95 17.28 -10.83
N LEU B 198 1.98 17.69 -10.02
CA LEU B 198 1.57 19.07 -9.94
C LEU B 198 2.71 19.96 -9.41
N ARG B 199 3.46 19.42 -8.47
CA ARG B 199 4.62 20.09 -7.91
C ARG B 199 5.70 20.26 -8.94
N VAL B 200 6.04 19.19 -9.66
CA VAL B 200 7.05 19.29 -10.73
C VAL B 200 6.65 20.44 -11.65
N TYR B 201 5.38 20.44 -12.05
CA TYR B 201 4.85 21.45 -12.96
C TYR B 201 5.09 22.89 -12.44
N ARG B 202 4.76 23.12 -11.16
CA ARG B 202 4.96 24.41 -10.52
C ARG B 202 6.42 24.80 -10.41
N GLU B 203 7.29 23.84 -10.11
CA GLU B 203 8.72 24.07 -10.13
C GLU B 203 9.25 24.40 -11.52
N ALA B 204 8.66 23.79 -12.55
CA ALA B 204 9.03 24.09 -13.92
C ALA B 204 8.58 25.49 -14.32
N LYS B 205 7.39 25.89 -13.89
CA LYS B 205 6.87 27.23 -14.20
C LYS B 205 7.70 28.32 -13.53
N GLU B 206 8.26 28.00 -12.37
CA GLU B 206 9.19 28.90 -11.69
C GLU B 206 10.46 29.12 -12.52
N GLN B 207 11.00 28.04 -13.06
CA GLN B 207 12.18 28.12 -13.91
C GLN B 207 12.01 28.96 -15.15
N ILE B 208 10.76 29.23 -15.55
CA ILE B 208 10.54 29.89 -16.84
C ILE B 208 10.45 31.42 -16.76
N ARG B 209 10.42 31.94 -15.53
CA ARG B 209 10.57 33.37 -15.30
C ARG B 209 11.99 33.67 -15.74
N LYS B 210 12.21 34.82 -16.36
CA LYS B 210 13.55 35.21 -16.82
C LYS B 210 14.04 34.48 -18.08
N ILE B 211 13.29 33.52 -18.61
CA ILE B 211 13.78 32.78 -19.78
C ILE B 211 13.62 33.51 -21.12
N ASP B 212 12.60 34.36 -21.21
CA ASP B 212 12.41 35.30 -22.33
C ASP B 212 13.43 36.44 -22.31
N ARG B 213 14.48 36.31 -21.51
CA ARG B 213 15.53 37.33 -21.48
C ARG B 213 16.43 37.15 -22.66
N ALA B 214 16.58 38.22 -23.43
CA ALA B 214 17.49 38.22 -24.55
C ALA B 214 18.86 37.75 -24.07
N SER B 215 19.31 38.27 -22.93
CA SER B 215 20.61 37.93 -22.34
C SER B 215 20.79 36.45 -22.01
N LYS B 216 19.72 35.67 -22.16
CA LYS B 216 19.77 34.25 -21.85
C LYS B 216 19.55 33.35 -23.07
N ARG B 217 18.81 33.85 -24.06
CA ARG B 217 18.27 33.07 -25.17
C ARG B 217 19.20 32.04 -25.82
N LYS B 218 20.48 32.38 -25.95
CA LYS B 218 21.39 31.58 -26.77
C LYS B 218 21.65 30.16 -26.27
N THR B 219 21.82 29.99 -24.96
CA THR B 219 22.18 28.68 -24.42
C THR B 219 21.31 28.24 -23.22
N SER B 220 21.18 29.12 -22.22
CA SER B 220 20.30 28.89 -21.08
C SER B 220 18.92 28.50 -21.55
N ARG B 221 18.45 29.18 -22.59
CA ARG B 221 17.08 29.02 -23.04
C ARG B 221 16.87 27.73 -23.83
N VAL B 222 17.84 27.38 -24.67
CA VAL B 222 17.75 26.20 -25.52
C VAL B 222 17.73 24.95 -24.62
N MET B 223 18.64 24.93 -23.64
CA MET B 223 18.80 23.80 -22.71
C MET B 223 17.56 23.58 -21.83
N LEU B 224 16.97 24.67 -21.36
CA LEU B 224 15.75 24.60 -20.55
C LEU B 224 14.52 24.17 -21.36
N MET B 225 14.46 24.56 -22.63
CA MET B 225 13.37 24.15 -23.50
C MET B 225 13.42 22.65 -23.76
N ARG B 226 14.63 22.12 -23.98
CA ARG B 226 14.83 20.71 -24.24
C ARG B 226 14.46 19.86 -23.02
N GLU B 227 14.70 20.41 -21.82
CA GLU B 227 14.34 19.75 -20.56
C GLU B 227 12.85 19.76 -20.30
N HIS B 228 12.19 20.85 -20.70
CA HIS B 228 10.74 20.95 -20.59
C HIS B 228 9.99 20.11 -21.62
N LYS B 229 10.58 19.91 -22.79
CA LYS B 229 10.04 18.97 -23.77
C LYS B 229 10.02 17.57 -23.14
N ALA B 230 11.15 17.19 -22.52
CA ALA B 230 11.28 15.88 -21.87
C ALA B 230 10.29 15.66 -20.72
N LEU B 231 10.03 16.70 -19.95
CA LEU B 231 9.07 16.61 -18.85
C LEU B 231 7.63 16.49 -19.32
N LYS B 232 7.31 17.22 -20.38
CA LYS B 232 5.99 17.14 -21.02
C LYS B 232 5.73 15.72 -21.53
N THR B 233 6.76 15.07 -22.09
CA THR B 233 6.67 13.70 -22.56
C THR B 233 6.26 12.77 -21.41
N LEU B 234 6.87 12.96 -20.23
CA LEU B 234 6.53 12.19 -19.03
C LEU B 234 5.15 12.52 -18.51
N GLY B 235 4.78 13.79 -18.54
CA GLY B 235 3.43 14.20 -18.18
C GLY B 235 2.41 13.47 -19.04
N ILE B 236 2.67 13.40 -20.36
CA ILE B 236 1.79 12.73 -21.33
C ILE B 236 1.65 11.22 -21.02
N ILE B 237 2.78 10.58 -20.76
CA ILE B 237 2.83 9.17 -20.38
C ILE B 237 1.91 8.91 -19.19
N MET B 238 1.95 9.78 -18.19
CA MET B 238 1.13 9.66 -16.98
C MET B 238 -0.33 10.00 -17.23
N GLY B 239 -0.56 10.94 -18.14
CA GLY B 239 -1.91 11.38 -18.46
C GLY B 239 -2.64 10.32 -19.25
N VAL B 240 -1.96 9.78 -20.26
CA VAL B 240 -2.57 8.76 -21.09
C VAL B 240 -2.88 7.49 -20.24
N PHE B 241 -1.92 7.08 -19.42
CA PHE B 241 -2.09 5.97 -18.50
C PHE B 241 -3.31 6.12 -17.58
N THR B 242 -3.47 7.28 -16.96
CA THR B 242 -4.66 7.59 -16.17
C THR B 242 -5.94 7.46 -17.03
N LEU B 243 -5.93 8.03 -18.24
CA LEU B 243 -7.09 7.98 -19.13
C LEU B 243 -7.41 6.57 -19.54
N CYS B 244 -6.38 5.75 -19.75
CA CYS B 244 -6.60 4.36 -20.15
C CYS B 244 -7.16 3.47 -19.03
N TRP B 245 -6.83 3.77 -17.77
CA TRP B 245 -7.18 2.87 -16.67
C TRP B 245 -8.26 3.40 -15.73
N LEU B 246 -8.36 4.72 -15.58
CA LEU B 246 -9.42 5.27 -14.76
C LEU B 246 -10.83 4.75 -15.13
N PRO B 247 -11.21 4.71 -16.44
CA PRO B 247 -12.59 4.29 -16.66
C PRO B 247 -12.85 2.91 -16.00
N PHE B 248 -11.96 1.94 -16.24
CA PHE B 248 -12.11 0.62 -15.64
C PHE B 248 -12.22 0.66 -14.14
N PHE B 249 -11.27 1.30 -13.47
CA PHE B 249 -11.28 1.39 -12.01
C PHE B 249 -12.46 2.16 -11.41
N LEU B 250 -13.01 3.14 -12.13
CA LEU B 250 -14.28 3.76 -11.71
C LEU B 250 -15.37 2.71 -11.77
N VAL B 251 -15.46 2.03 -12.91
CA VAL B 251 -16.47 0.98 -13.11
C VAL B 251 -16.34 -0.16 -12.06
N ASN B 252 -15.11 -0.55 -11.75
CA ASN B 252 -14.84 -1.62 -10.77
C ASN B 252 -15.51 -1.30 -9.43
N ILE B 253 -15.53 -0.02 -9.07
CA ILE B 253 -16.05 0.45 -7.81
C ILE B 253 -17.56 0.54 -7.86
N VAL B 254 -18.11 1.07 -8.96
CA VAL B 254 -19.56 1.26 -9.08
C VAL B 254 -20.31 -0.07 -9.09
N ASN B 255 -19.67 -1.12 -9.60
CA ASN B 255 -20.18 -2.48 -9.47
C ASN B 255 -20.49 -2.92 -8.05
N VAL B 256 -19.78 -2.33 -7.09
CA VAL B 256 -19.95 -2.69 -5.68
C VAL B 256 -21.29 -2.17 -5.19
N PHE B 257 -21.64 -0.94 -5.56
CA PHE B 257 -22.87 -0.29 -5.09
C PHE B 257 -24.11 -0.57 -5.96
N ASN B 258 -23.92 -0.97 -7.22
CA ASN B 258 -25.00 -1.35 -8.14
C ASN B 258 -24.52 -2.38 -9.18
N ARG B 259 -24.91 -3.64 -8.99
CA ARG B 259 -24.46 -4.72 -9.89
C ARG B 259 -25.11 -4.68 -11.28
N ASP B 260 -26.26 -4.00 -11.39
CA ASP B 260 -26.91 -3.79 -12.67
C ASP B 260 -26.28 -2.69 -13.52
N LEU B 261 -26.08 -1.53 -12.91
CA LEU B 261 -25.78 -0.28 -13.66
C LEU B 261 -24.87 -0.38 -14.88
N VAL B 262 -23.81 -1.18 -14.80
CA VAL B 262 -22.82 -1.22 -15.88
C VAL B 262 -22.87 -2.53 -16.66
N PRO B 263 -23.06 -2.44 -17.99
CA PRO B 263 -23.13 -3.65 -18.80
C PRO B 263 -21.82 -4.45 -18.81
N ASP B 264 -21.99 -5.77 -18.72
CA ASP B 264 -20.94 -6.77 -18.76
C ASP B 264 -19.86 -6.49 -19.83
N TRP B 265 -20.30 -6.14 -21.04
CA TRP B 265 -19.40 -5.89 -22.17
C TRP B 265 -18.56 -4.61 -21.99
N LEU B 266 -19.10 -3.63 -21.26
CA LEU B 266 -18.43 -2.35 -21.07
C LEU B 266 -17.26 -2.49 -20.09
N PHE B 267 -17.52 -3.18 -18.99
CA PHE B 267 -16.51 -3.61 -18.05
C PHE B 267 -15.32 -4.24 -18.79
N VAL B 268 -15.59 -5.26 -19.62
CA VAL B 268 -14.55 -5.93 -20.40
C VAL B 268 -13.85 -4.99 -21.39
N ALA B 269 -14.62 -4.08 -21.98
CA ALA B 269 -14.05 -3.07 -22.88
C ALA B 269 -13.06 -2.16 -22.14
N PHE B 270 -13.52 -1.61 -21.03
CA PHE B 270 -12.69 -0.73 -20.21
C PHE B 270 -11.39 -1.39 -19.74
N ASN B 271 -11.41 -2.71 -19.61
CA ASN B 271 -10.22 -3.45 -19.25
C ASN B 271 -9.31 -3.64 -20.44
N TRP B 272 -9.90 -3.74 -21.63
CA TRP B 272 -9.08 -3.79 -22.86
C TRP B 272 -8.44 -2.44 -23.17
N LEU B 273 -9.16 -1.36 -22.84
CA LEU B 273 -8.58 -0.03 -22.99
C LEU B 273 -7.29 0.04 -22.13
N GLY B 274 -7.37 -0.57 -20.95
CA GLY B 274 -6.22 -0.71 -20.07
C GLY B 274 -5.08 -1.44 -20.75
N TYR B 275 -5.37 -2.60 -21.34
CA TYR B 275 -4.34 -3.36 -22.02
C TYR B 275 -3.71 -2.55 -23.14
N ALA B 276 -4.55 -1.78 -23.83
CA ALA B 276 -4.16 -0.98 -24.98
C ALA B 276 -3.05 0.01 -24.66
N ASN B 277 -3.02 0.49 -23.41
CA ASN B 277 -2.01 1.43 -22.94
C ASN B 277 -0.58 0.94 -23.11
N SER B 278 -0.41 -0.38 -23.10
CA SER B 278 0.90 -1.00 -23.22
C SER B 278 1.56 -0.84 -24.58
N ALA B 279 0.80 -0.26 -25.51
CA ALA B 279 1.21 -0.11 -26.89
C ALA B 279 1.57 1.36 -27.16
N MET B 280 1.16 2.23 -26.24
CA MET B 280 1.19 3.67 -26.51
C MET B 280 2.51 4.38 -26.24
N ASN B 281 3.20 3.96 -25.17
CA ASN B 281 4.45 4.60 -24.74
C ASN B 281 5.56 4.63 -25.78
N PRO B 282 5.78 3.53 -26.53
CA PRO B 282 6.82 3.63 -27.57
C PRO B 282 6.51 4.70 -28.63
N ILE B 283 5.23 4.86 -28.97
CA ILE B 283 4.84 5.86 -29.95
C ILE B 283 5.13 7.23 -29.34
N ILE B 284 4.65 7.44 -28.12
CA ILE B 284 4.81 8.71 -27.39
C ILE B 284 6.28 9.16 -27.25
N TYR B 285 7.20 8.21 -27.14
CA TYR B 285 8.64 8.52 -27.10
C TYR B 285 9.22 9.05 -28.42
N CYS B 286 8.44 9.03 -29.49
CA CYS B 286 8.91 9.54 -30.78
C CYS B 286 8.88 11.07 -30.82
N ARG B 287 8.45 11.66 -29.70
CA ARG B 287 8.59 13.08 -29.45
C ARG B 287 10.06 13.45 -29.26
N SER B 288 10.88 12.44 -28.97
CA SER B 288 12.29 12.65 -28.68
C SER B 288 13.15 12.29 -29.88
N PRO B 289 13.92 13.27 -30.38
CA PRO B 289 14.94 13.09 -31.44
C PRO B 289 15.81 11.85 -31.23
N ASP B 290 16.30 11.66 -30.02
CA ASP B 290 17.20 10.55 -29.66
C ASP B 290 16.59 9.16 -29.84
N PHE B 291 15.38 8.98 -29.30
CA PHE B 291 14.62 7.73 -29.45
C PHE B 291 14.32 7.44 -30.92
N ARG B 292 13.82 8.45 -31.62
CA ARG B 292 13.53 8.38 -33.04
C ARG B 292 14.75 7.87 -33.83
N LYS B 293 15.90 8.49 -33.59
CA LYS B 293 17.17 8.11 -34.23
C LYS B 293 17.63 6.69 -33.89
N ALA B 294 17.42 6.29 -32.63
CA ALA B 294 17.76 4.95 -32.18
C ALA B 294 16.82 3.91 -32.78
N PHE B 295 15.55 4.29 -32.94
CA PHE B 295 14.53 3.43 -33.56
C PHE B 295 14.87 3.17 -35.02
N LYS B 296 15.12 4.26 -35.75
CA LYS B 296 15.48 4.19 -37.17
C LYS B 296 16.75 3.37 -37.40
N ARG B 297 17.72 3.52 -36.50
CA ARG B 297 18.97 2.77 -36.59
C ARG B 297 18.77 1.28 -36.30
N LEU B 298 17.96 0.98 -35.29
CA LEU B 298 17.73 -0.41 -34.89
C LEU B 298 17.00 -1.21 -35.95
N LEU B 299 16.02 -0.58 -36.60
CA LEU B 299 15.20 -1.24 -37.62
C LEU B 299 15.96 -1.48 -38.95
N ALA B 300 17.22 -1.02 -39.01
CA ALA B 300 18.13 -1.23 -40.15
C ALA B 300 17.53 -0.87 -41.51
#